data_9ODX
#
_entry.id   9ODX
#
_cell.length_a   80.670
_cell.length_b   62.641
_cell.length_c   51.872
_cell.angle_alpha   90.000
_cell.angle_beta   117.743
_cell.angle_gamma   90.000
#
_symmetry.space_group_name_H-M   'C 1 2 1'
#
loop_
_entity.id
_entity.type
_entity.pdbx_description
1 polymer 'Protein unc-119 homolog B'
2 non-polymer N-acetyl-S-geranylgeranyl-L-cysteine
3 non-polymer 'SULFATE ION'
4 water water
#
_entity_poly.entity_id   1
_entity_poly.type   'polypeptide(L)'
_entity_poly.pdbx_seq_one_letter_code
;MHHHHHHDYDIPTTENLYFQGAMGAAVTEQELLALDTIRPEHVLRLNRVTENYLCKPEDNVYSIDFTRFKIRDLETGTVL
FEIAKPCISDQDQDAEEESVDVDISVGRFVRYQFTPAFLRLRTVGATVEFTVGDRPVTGFRMIERHYFRERLLKTFDFDF
GFCIPSSRNTCEHIYEFPQLSEDVIRLMIENPYETRSDSFYFVDNKLVMHNKADYAYNGGQ
;
_entity_poly.pdbx_strand_id   A
#
# COMPACT_ATOMS: atom_id res chain seq x y z
N GLY A 24 8.63 -20.46 -1.78
CA GLY A 24 7.87 -21.18 -0.78
C GLY A 24 6.38 -21.22 -1.07
N ALA A 25 5.68 -22.22 -0.52
CA ALA A 25 4.27 -22.43 -0.80
C ALA A 25 3.42 -21.27 -0.25
N ALA A 26 2.19 -21.16 -0.76
CA ALA A 26 1.32 -20.07 -0.29
C ALA A 26 0.98 -20.26 1.19
N VAL A 27 0.81 -19.12 1.90
CA VAL A 27 0.43 -19.08 3.30
C VAL A 27 -0.91 -18.41 3.39
N THR A 28 -1.63 -18.71 4.47
CA THR A 28 -2.94 -18.15 4.65
C THR A 28 -2.86 -17.04 5.65
N GLU A 29 -3.89 -16.21 5.61
CA GLU A 29 -4.01 -15.16 6.59
C GLU A 29 -4.06 -15.74 8.01
N GLN A 30 -4.75 -16.85 8.19
CA GLN A 30 -4.81 -17.45 9.51
C GLN A 30 -3.44 -17.96 9.96
N GLU A 31 -2.63 -18.50 9.05
CA GLU A 31 -1.30 -18.96 9.44
C GLU A 31 -0.46 -17.76 9.92
N LEU A 32 -0.54 -16.62 9.23
CA LEU A 32 0.31 -15.51 9.62
C LEU A 32 -0.10 -14.95 10.98
N LEU A 33 -1.39 -14.95 11.27
CA LEU A 33 -1.85 -14.44 12.55
C LEU A 33 -1.35 -15.28 13.72
N ALA A 34 -1.01 -16.55 13.48
CA ALA A 34 -0.54 -17.39 14.56
C ALA A 34 0.94 -17.21 14.86
N LEU A 35 1.67 -16.46 14.03
CA LEU A 35 3.10 -16.32 14.21
C LEU A 35 3.42 -15.37 15.34
N ASP A 36 4.60 -15.57 15.92
CA ASP A 36 5.16 -14.62 16.86
C ASP A 36 5.34 -13.25 16.19
N THR A 37 5.95 -13.24 15.01
CA THR A 37 6.13 -11.99 14.28
CA THR A 37 6.22 -12.00 14.28
C THR A 37 6.01 -12.30 12.80
N ILE A 38 5.41 -11.39 12.09
CA ILE A 38 5.20 -11.53 10.66
C ILE A 38 6.34 -10.79 9.99
N ARG A 39 7.04 -11.47 9.09
CA ARG A 39 8.17 -10.93 8.36
C ARG A 39 7.77 -10.61 6.93
N PRO A 40 8.57 -9.79 6.26
CA PRO A 40 8.27 -9.52 4.85
C PRO A 40 8.11 -10.79 4.04
N GLU A 41 9.01 -11.75 4.22
CA GLU A 41 8.94 -12.95 3.40
C GLU A 41 7.62 -13.67 3.59
N HIS A 42 7.00 -13.51 4.75
CA HIS A 42 5.75 -14.20 4.99
C HIS A 42 4.62 -13.58 4.20
N VAL A 43 4.49 -12.25 4.18
CA VAL A 43 3.35 -11.68 3.45
C VAL A 43 3.51 -11.86 1.97
N LEU A 44 4.75 -12.07 1.51
CA LEU A 44 5.02 -12.29 0.09
C LEU A 44 4.52 -13.64 -0.39
N ARG A 45 4.04 -14.47 0.50
CA ARG A 45 3.49 -15.74 0.09
C ARG A 45 2.00 -15.82 0.32
N LEU A 46 1.37 -14.76 0.80
CA LEU A 46 -0.09 -14.75 0.82
C LEU A 46 -0.59 -14.89 -0.59
N ASN A 47 -1.64 -15.64 -0.79
CA ASN A 47 -2.07 -15.72 -2.19
C ASN A 47 -3.45 -15.15 -2.44
N ARG A 48 -3.98 -14.40 -1.48
CA ARG A 48 -5.25 -13.71 -1.60
C ARG A 48 -5.13 -12.45 -0.76
N VAL A 49 -5.90 -11.45 -1.12
CA VAL A 49 -5.96 -10.27 -0.29
C VAL A 49 -6.54 -10.72 1.05
N THR A 50 -6.11 -10.07 2.13
CA THR A 50 -6.59 -10.52 3.42
C THR A 50 -8.03 -10.08 3.63
N GLU A 51 -8.71 -10.86 4.48
CA GLU A 51 -10.02 -10.46 4.96
C GLU A 51 -9.86 -9.50 6.11
N ASN A 52 -8.99 -9.83 7.06
CA ASN A 52 -8.83 -9.04 8.26
C ASN A 52 -7.44 -8.43 8.26
N TYR A 53 -7.16 -7.58 9.23
CA TYR A 53 -5.85 -6.95 9.30
C TYR A 53 -4.86 -7.88 10.03
N LEU A 54 -3.59 -7.80 9.65
CA LEU A 54 -2.55 -8.62 10.25
C LEU A 54 -1.82 -7.95 11.39
N CYS A 55 -2.15 -6.70 11.67
CA CYS A 55 -1.63 -6.04 12.86
C CYS A 55 -2.69 -5.07 13.34
N LYS A 56 -2.46 -4.51 14.52
CA LYS A 56 -3.44 -3.62 15.13
C LYS A 56 -2.94 -2.19 14.97
N PRO A 57 -3.81 -1.18 15.07
CA PRO A 57 -3.33 0.21 15.07
C PRO A 57 -2.21 0.46 16.05
N GLU A 58 -2.33 -0.16 17.23
CA GLU A 58 -1.35 0.01 18.31
CA GLU A 58 -1.32 0.12 18.24
C GLU A 58 0.03 -0.50 17.93
N ASP A 59 0.11 -1.34 16.89
CA ASP A 59 1.41 -1.86 16.48
C ASP A 59 2.27 -0.83 15.77
N ASN A 60 1.68 0.30 15.39
CA ASN A 60 2.41 1.40 14.73
C ASN A 60 3.15 2.17 15.83
N VAL A 61 4.11 1.49 16.44
CA VAL A 61 4.79 2.09 17.58
C VAL A 61 5.72 3.21 17.15
N TYR A 62 5.92 3.36 15.86
CA TYR A 62 6.73 4.44 15.30
C TYR A 62 5.89 5.65 14.93
N SER A 63 4.57 5.58 15.07
CA SER A 63 3.70 6.71 14.81
C SER A 63 3.85 7.23 13.39
N ILE A 64 3.97 6.31 12.44
CA ILE A 64 4.03 6.73 11.06
C ILE A 64 2.66 7.22 10.66
N ASP A 65 2.60 8.40 10.05
CA ASP A 65 1.32 8.97 9.65
C ASP A 65 1.53 9.55 8.27
N PHE A 66 0.84 8.99 7.26
CA PHE A 66 0.95 9.55 5.93
C PHE A 66 0.12 10.82 5.85
N THR A 67 0.75 11.88 5.30
CA THR A 67 0.11 13.16 5.28
C THR A 67 -0.18 13.66 3.88
N ARG A 68 0.49 13.15 2.86
CA ARG A 68 0.29 13.67 1.52
C ARG A 68 0.85 12.66 0.56
N PHE A 69 0.17 12.48 -0.57
CA PHE A 69 0.88 11.84 -1.66
C PHE A 69 0.52 12.48 -2.98
N LYS A 70 1.54 12.58 -3.82
CA LYS A 70 1.41 13.22 -5.12
C LYS A 70 1.81 12.19 -6.18
N ILE A 71 0.91 11.96 -7.12
CA ILE A 71 1.04 10.86 -8.08
C ILE A 71 1.26 11.45 -9.47
N ARG A 72 2.32 10.99 -10.14
CA ARG A 72 2.71 11.52 -11.44
C ARG A 72 2.80 10.37 -12.41
N ASP A 73 2.36 10.61 -13.65
CA ASP A 73 2.69 9.70 -14.73
C ASP A 73 4.12 10.01 -15.17
N LEU A 74 5.05 9.10 -14.90
CA LEU A 74 6.45 9.38 -15.21
C LEU A 74 6.75 9.33 -16.69
N GLU A 75 5.89 8.74 -17.50
CA GLU A 75 6.13 8.78 -18.93
C GLU A 75 5.90 10.16 -19.49
N THR A 76 4.88 10.85 -18.99
CA THR A 76 4.54 12.16 -19.54
C THR A 76 5.00 13.29 -18.64
N GLY A 77 5.28 12.99 -17.38
CA GLY A 77 5.61 14.00 -16.40
C GLY A 77 4.42 14.70 -15.79
N THR A 78 3.22 14.27 -16.12
CA THR A 78 2.02 14.96 -15.70
C THR A 78 1.68 14.55 -14.27
N VAL A 79 1.47 15.55 -13.43
CA VAL A 79 0.90 15.28 -12.12
C VAL A 79 -0.54 14.85 -12.34
N LEU A 80 -0.88 13.66 -11.86
CA LEU A 80 -2.23 13.14 -11.99
C LEU A 80 -3.12 13.68 -10.89
N PHE A 81 -2.66 13.60 -9.64
CA PHE A 81 -3.45 14.09 -8.51
C PHE A 81 -2.56 14.12 -7.28
N GLU A 82 -3.03 14.87 -6.30
CA GLU A 82 -2.40 14.94 -4.99
C GLU A 82 -3.50 14.80 -3.96
N ILE A 83 -3.24 13.96 -2.96
CA ILE A 83 -4.18 13.75 -1.87
C ILE A 83 -3.48 14.21 -0.60
N ALA A 84 -4.15 15.02 0.21
CA ALA A 84 -3.54 15.52 1.43
C ALA A 84 -4.54 15.43 2.55
N LYS A 85 -4.04 15.32 3.77
CA LYS A 85 -4.91 15.41 4.93
C LYS A 85 -5.47 16.82 5.02
N PRO A 86 -6.78 16.99 5.24
CA PRO A 86 -7.40 18.32 5.37
C PRO A 86 -6.82 19.10 6.55
N VAL A 102 -6.80 19.21 18.08
CA VAL A 102 -7.48 18.09 17.40
C VAL A 102 -6.74 17.64 16.15
N ASP A 103 -6.24 16.41 16.16
CA ASP A 103 -5.50 15.87 15.03
C ASP A 103 -6.10 14.52 14.68
N ILE A 104 -6.24 14.25 13.39
CA ILE A 104 -6.78 12.97 12.96
C ILE A 104 -5.77 12.29 12.05
N SER A 105 -5.81 10.99 12.05
CA SER A 105 -4.97 10.14 11.21
C SER A 105 -5.92 9.14 10.56
N VAL A 106 -5.99 9.18 9.25
N VAL A 106 -5.78 8.96 9.24
CA VAL A 106 -6.80 8.18 8.57
CA VAL A 106 -6.53 7.95 8.49
C VAL A 106 -5.95 6.93 8.45
C VAL A 106 -5.60 7.18 7.56
N GLY A 107 -6.50 5.81 8.88
N GLY A 107 -6.16 6.20 6.86
CA GLY A 107 -5.76 4.58 8.88
CA GLY A 107 -5.36 5.38 5.97
C GLY A 107 -6.54 3.47 8.22
C GLY A 107 -5.53 3.88 6.08
N ARG A 108 -5.83 2.39 7.92
N ARG A 108 -6.01 3.36 7.22
CA ARG A 108 -6.46 1.11 7.67
CA ARG A 108 -6.14 1.90 7.42
C ARG A 108 -7.20 0.96 6.34
C ARG A 108 -6.94 1.26 6.29
N PHE A 109 -7.94 1.98 5.81
CA PHE A 109 -8.73 1.63 4.64
C PHE A 109 -9.02 2.86 3.83
N VAL A 110 -8.80 2.78 2.52
CA VAL A 110 -9.12 3.84 1.60
C VAL A 110 -9.80 3.20 0.42
N ARG A 111 -10.85 3.81 -0.07
CA ARG A 111 -11.49 3.34 -1.28
C ARG A 111 -11.21 4.35 -2.38
N TYR A 112 -10.70 3.87 -3.49
CA TYR A 112 -10.36 4.77 -4.59
C TYR A 112 -11.28 4.54 -5.77
N GLN A 113 -11.71 5.60 -6.41
CA GLN A 113 -12.37 5.47 -7.70
C GLN A 113 -11.55 6.25 -8.72
N PHE A 114 -11.01 5.55 -9.69
CA PHE A 114 -10.22 6.15 -10.75
C PHE A 114 -11.04 6.09 -12.02
N THR A 115 -10.52 6.76 -13.02
CA THR A 115 -11.04 6.67 -14.37
C THR A 115 -10.36 5.52 -15.11
N PRO A 116 -10.96 5.02 -16.19
CA PRO A 116 -10.41 3.83 -16.85
C PRO A 116 -9.00 4.02 -17.38
N ALA A 117 -8.60 5.26 -17.69
CA ALA A 117 -7.25 5.50 -18.20
C ALA A 117 -6.18 5.15 -17.18
N PHE A 118 -6.55 5.10 -15.90
CA PHE A 118 -5.58 4.72 -14.87
C PHE A 118 -4.98 3.35 -15.18
N LEU A 119 -5.79 2.44 -15.73
CA LEU A 119 -5.33 1.08 -15.98
C LEU A 119 -4.40 0.99 -17.15
N ARG A 120 -4.21 2.08 -17.86
CA ARG A 120 -3.32 2.10 -19.01
C ARG A 120 -1.98 2.73 -18.66
N LEU A 121 -1.82 3.20 -17.44
CA LEU A 121 -0.55 3.78 -17.05
C LEU A 121 0.51 2.69 -17.01
N ARG A 122 1.75 3.12 -17.19
CA ARG A 122 2.88 2.19 -17.21
C ARG A 122 3.85 2.47 -16.07
N THR A 123 4.20 3.73 -15.84
CA THR A 123 5.21 4.07 -14.85
C THR A 123 4.70 5.27 -14.09
N VAL A 124 4.45 5.07 -12.80
CA VAL A 124 3.77 6.06 -11.99
C VAL A 124 4.69 6.38 -10.82
N GLY A 125 4.93 7.66 -10.58
CA GLY A 125 5.76 8.09 -9.45
C GLY A 125 4.88 8.57 -8.32
N ALA A 126 5.16 8.07 -7.13
CA ALA A 126 4.44 8.52 -5.95
C ALA A 126 5.43 9.27 -5.09
N THR A 127 5.11 10.53 -4.74
CA THR A 127 5.84 11.26 -3.73
C THR A 127 5.02 11.19 -2.46
N VAL A 128 5.57 10.55 -1.43
CA VAL A 128 4.82 10.24 -0.22
C VAL A 128 5.42 11.03 0.92
N GLU A 129 4.59 11.83 1.59
CA GLU A 129 4.98 12.60 2.76
C GLU A 129 4.38 11.94 3.98
N PHE A 130 5.14 11.86 5.05
CA PHE A 130 4.66 11.21 6.26
C PHE A 130 5.44 11.77 7.43
N THR A 131 4.81 11.76 8.58
CA THR A 131 5.53 12.06 9.80
C THR A 131 5.87 10.76 10.52
N VAL A 132 6.90 10.85 11.34
CA VAL A 132 7.30 9.75 12.20
CA VAL A 132 7.24 9.75 12.22
C VAL A 132 7.39 10.28 13.63
N GLY A 133 7.16 9.39 14.60
CA GLY A 133 7.27 9.75 16.00
C GLY A 133 8.70 9.83 16.48
N ASP A 134 8.86 9.68 17.79
CA ASP A 134 10.14 9.97 18.42
C ASP A 134 11.10 8.79 18.35
N ARG A 135 10.62 7.56 18.06
CA ARG A 135 11.49 6.41 17.96
C ARG A 135 12.19 6.42 16.59
N PRO A 136 13.46 6.10 16.54
CA PRO A 136 14.13 6.01 15.24
C PRO A 136 13.59 4.84 14.46
N VAL A 137 13.58 5.02 13.15
CA VAL A 137 13.06 4.04 12.23
C VAL A 137 14.24 3.47 11.45
N THR A 138 14.28 2.14 11.31
CA THR A 138 15.27 1.51 10.44
C THR A 138 14.59 0.47 9.55
N GLY A 139 15.03 0.39 8.31
CA GLY A 139 14.47 -0.57 7.38
C GLY A 139 12.99 -0.40 7.10
N PHE A 140 12.53 0.84 6.97
CA PHE A 140 11.10 1.04 6.75
C PHE A 140 10.81 0.55 5.34
N ARG A 141 9.96 -0.48 5.22
CA ARG A 141 9.75 -1.17 3.95
C ARG A 141 8.26 -1.39 3.75
N MET A 142 7.81 -1.29 2.52
CA MET A 142 6.39 -1.44 2.22
C MET A 142 6.27 -2.51 1.16
N ILE A 143 5.41 -3.49 1.40
CA ILE A 143 5.05 -4.49 0.39
C ILE A 143 3.58 -4.31 0.10
N GLU A 144 3.26 -4.03 -1.16
CA GLU A 144 1.86 -3.89 -1.55
C GLU A 144 1.51 -5.02 -2.48
N ARG A 145 0.34 -5.61 -2.30
CA ARG A 145 -0.12 -6.67 -3.19
C ARG A 145 -1.48 -6.29 -3.68
N HIS A 146 -1.66 -6.27 -5.00
CA HIS A 146 -2.90 -5.85 -5.61
C HIS A 146 -3.55 -7.03 -6.29
N TYR A 147 -4.84 -7.21 -6.06
CA TYR A 147 -5.56 -8.36 -6.58
C TYR A 147 -6.81 -7.90 -7.27
N PHE A 148 -7.18 -8.58 -8.36
CA PHE A 148 -8.53 -8.46 -8.88
C PHE A 148 -9.20 -9.75 -8.48
N ARG A 149 -10.23 -9.67 -7.63
CA ARG A 149 -10.78 -10.89 -7.03
C ARG A 149 -9.67 -11.72 -6.41
N GLU A 150 -9.47 -12.95 -6.86
CA GLU A 150 -8.44 -13.83 -6.30
C GLU A 150 -7.14 -13.81 -7.07
N ARG A 151 -7.03 -12.97 -8.09
CA ARG A 151 -5.88 -12.97 -8.98
C ARG A 151 -4.91 -11.89 -8.55
N LEU A 152 -3.70 -12.28 -8.20
CA LEU A 152 -2.64 -11.31 -7.92
C LEU A 152 -2.26 -10.60 -9.20
N LEU A 153 -2.34 -9.28 -9.20
CA LEU A 153 -1.95 -8.49 -10.34
C LEU A 153 -0.49 -8.08 -10.27
N LYS A 154 -0.03 -7.65 -9.10
CA LYS A 154 1.31 -7.11 -8.97
C LYS A 154 1.64 -6.99 -7.48
N THR A 155 2.90 -7.21 -7.16
CA THR A 155 3.48 -6.92 -5.86
C THR A 155 4.47 -5.80 -6.06
N PHE A 156 4.41 -4.81 -5.18
CA PHE A 156 5.41 -3.77 -5.09
C PHE A 156 6.13 -3.90 -3.76
N ASP A 157 7.41 -3.71 -3.76
CA ASP A 157 8.22 -3.91 -2.56
C ASP A 157 9.24 -2.78 -2.56
N PHE A 158 9.01 -1.78 -1.71
CA PHE A 158 9.79 -0.55 -1.72
C PHE A 158 10.43 -0.30 -0.36
N ASP A 159 11.61 0.29 -0.40
CA ASP A 159 12.24 0.75 0.82
C ASP A 159 11.98 2.25 0.91
N PHE A 160 11.71 2.73 2.11
CA PHE A 160 11.44 4.15 2.33
C PHE A 160 12.68 4.98 2.53
N GLY A 161 13.80 4.38 2.79
CA GLY A 161 14.99 5.16 3.03
C GLY A 161 15.06 5.69 4.44
N PHE A 162 16.05 6.54 4.68
CA PHE A 162 16.32 7.03 6.04
C PHE A 162 15.29 8.07 6.46
N CYS A 163 14.81 7.97 7.72
CA CYS A 163 13.76 8.84 8.27
C CYS A 163 14.24 9.58 9.51
N ILE A 164 14.00 10.89 9.57
CA ILE A 164 14.30 11.68 10.77
C ILE A 164 13.14 11.58 11.75
N PRO A 165 13.36 11.18 12.99
CA PRO A 165 12.27 11.08 13.96
C PRO A 165 11.63 12.44 14.20
N SER A 166 10.36 12.41 14.59
CA SER A 166 9.67 13.61 15.07
C SER A 166 9.62 14.67 13.99
N SER A 167 9.45 14.27 12.73
CA SER A 167 9.46 15.26 11.68
C SER A 167 8.76 14.69 10.47
N ARG A 168 8.51 15.60 9.52
CA ARG A 168 7.98 15.20 8.22
C ARG A 168 9.13 14.66 7.39
N ASN A 169 8.83 13.56 6.68
CA ASN A 169 9.75 12.87 5.82
C ASN A 169 9.09 12.69 4.48
N THR A 170 9.90 12.53 3.43
CA THR A 170 9.35 12.35 2.09
C THR A 170 10.11 11.23 1.40
N CYS A 171 9.41 10.48 0.57
CA CYS A 171 10.02 9.40 -0.18
C CYS A 171 9.37 9.38 -1.55
N GLU A 172 10.15 9.06 -2.56
CA GLU A 172 9.63 8.83 -3.90
C GLU A 172 9.66 7.35 -4.22
N HIS A 173 8.55 6.83 -4.67
CA HIS A 173 8.46 5.46 -5.13
C HIS A 173 8.12 5.48 -6.60
N ILE A 174 8.60 4.49 -7.34
CA ILE A 174 8.26 4.36 -8.75
C ILE A 174 7.57 3.03 -8.94
N TYR A 175 6.31 3.10 -9.33
CA TYR A 175 5.49 1.92 -9.56
C TYR A 175 5.56 1.60 -11.06
N GLU A 176 6.06 0.43 -11.37
CA GLU A 176 5.95 -0.12 -12.73
C GLU A 176 4.70 -0.97 -12.81
N PHE A 177 3.68 -0.46 -13.47
CA PHE A 177 2.39 -1.11 -13.46
C PHE A 177 2.50 -2.42 -14.24
N PRO A 178 1.73 -3.41 -13.85
CA PRO A 178 1.69 -4.65 -14.62
C PRO A 178 1.10 -4.35 -15.99
N GLN A 179 1.47 -5.19 -16.94
CA GLN A 179 0.91 -5.06 -18.28
C GLN A 179 -0.36 -5.90 -18.27
N LEU A 180 -1.49 -5.25 -18.07
CA LEU A 180 -2.75 -5.96 -17.89
C LEU A 180 -3.31 -6.36 -19.25
N SER A 181 -3.87 -7.55 -19.32
CA SER A 181 -4.52 -7.95 -20.56
C SER A 181 -5.80 -7.15 -20.76
N GLU A 182 -6.28 -7.14 -22.01
CA GLU A 182 -7.51 -6.41 -22.23
C GLU A 182 -8.66 -7.02 -21.47
N ASP A 183 -8.66 -8.33 -21.33
CA ASP A 183 -9.75 -8.98 -20.59
CA ASP A 183 -9.76 -8.97 -20.59
C ASP A 183 -9.72 -8.56 -19.12
N VAL A 184 -8.53 -8.54 -18.51
CA VAL A 184 -8.45 -8.15 -17.11
C VAL A 184 -8.86 -6.69 -16.93
N ILE A 185 -8.41 -5.82 -17.82
CA ILE A 185 -8.79 -4.41 -17.75
C ILE A 185 -10.30 -4.29 -17.78
N ARG A 186 -10.94 -4.96 -18.74
CA ARG A 186 -12.39 -4.92 -18.82
C ARG A 186 -13.02 -5.41 -17.52
N LEU A 187 -12.52 -6.51 -16.97
CA LEU A 187 -13.12 -7.02 -15.74
C LEU A 187 -12.96 -6.03 -14.61
N MET A 188 -11.81 -5.38 -14.53
CA MET A 188 -11.58 -4.42 -13.45
C MET A 188 -12.48 -3.20 -13.59
N ILE A 189 -12.74 -2.75 -14.82
CA ILE A 189 -13.64 -1.63 -15.01
C ILE A 189 -15.07 -2.03 -14.70
N GLU A 190 -15.47 -3.23 -15.13
CA GLU A 190 -16.86 -3.66 -15.02
C GLU A 190 -17.25 -4.10 -13.61
N ASN A 191 -16.28 -4.31 -12.73
CA ASN A 191 -16.54 -4.91 -11.41
C ASN A 191 -15.90 -4.03 -10.36
N PRO A 192 -16.46 -2.85 -10.15
CA PRO A 192 -15.85 -1.89 -9.25
C PRO A 192 -15.67 -2.45 -7.85
N TYR A 193 -14.53 -2.13 -7.26
CA TYR A 193 -14.22 -2.43 -5.87
C TYR A 193 -13.92 -3.90 -5.67
N GLU A 194 -13.86 -4.69 -6.73
CA GLU A 194 -13.36 -6.05 -6.60
C GLU A 194 -11.86 -6.14 -6.85
N THR A 195 -11.21 -4.99 -7.16
CA THR A 195 -9.76 -4.92 -7.14
C THR A 195 -9.44 -4.41 -5.74
N ARG A 196 -8.53 -5.08 -5.05
CA ARG A 196 -8.26 -4.74 -3.67
C ARG A 196 -6.77 -4.85 -3.43
N SER A 197 -6.27 -4.10 -2.45
CA SER A 197 -4.86 -4.26 -2.11
C SER A 197 -4.64 -4.40 -0.61
N ASP A 198 -3.51 -4.98 -0.30
CA ASP A 198 -2.94 -4.95 1.04
C ASP A 198 -1.64 -4.20 0.93
N SER A 199 -1.38 -3.31 1.88
CA SER A 199 -0.08 -2.66 2.00
C SER A 199 0.44 -3.02 3.37
N PHE A 200 1.56 -3.68 3.41
CA PHE A 200 2.17 -4.15 4.64
C PHE A 200 3.42 -3.31 4.86
N TYR A 201 3.51 -2.68 6.03
CA TYR A 201 4.63 -1.81 6.32
C TYR A 201 5.45 -2.41 7.42
N PHE A 202 6.75 -2.51 7.17
CA PHE A 202 7.66 -3.14 8.11
C PHE A 202 8.65 -2.11 8.58
N VAL A 203 9.02 -2.21 9.86
CA VAL A 203 10.16 -1.49 10.40
C VAL A 203 11.01 -2.53 11.07
N ASP A 204 12.28 -2.60 10.67
CA ASP A 204 13.19 -3.58 11.26
C ASP A 204 12.65 -5.01 11.12
N ASN A 205 12.07 -5.32 9.94
CA ASN A 205 11.60 -6.66 9.61
C ASN A 205 10.41 -7.13 10.44
N LYS A 206 9.68 -6.21 11.05
CA LYS A 206 8.47 -6.56 11.78
C LYS A 206 7.31 -5.74 11.23
N LEU A 207 6.17 -6.38 11.09
CA LEU A 207 5.00 -5.70 10.55
C LEU A 207 4.50 -4.69 11.57
N VAL A 208 4.35 -3.44 11.15
CA VAL A 208 3.92 -2.37 12.04
C VAL A 208 2.67 -1.65 11.57
N MET A 209 2.33 -1.72 10.28
CA MET A 209 1.09 -1.15 9.78
C MET A 209 0.59 -2.05 8.65
N HIS A 210 -0.71 -2.09 8.51
CA HIS A 210 -1.35 -2.86 7.44
C HIS A 210 -2.53 -2.03 6.99
N ASN A 211 -2.41 -1.46 5.80
CA ASN A 211 -3.49 -0.66 5.21
C ASN A 211 -4.09 -1.47 4.08
N LYS A 212 -5.36 -1.27 3.86
CA LYS A 212 -6.10 -1.98 2.82
C LYS A 212 -6.79 -0.97 1.94
N ALA A 213 -7.10 -1.39 0.73
CA ALA A 213 -7.87 -0.52 -0.13
C ALA A 213 -8.69 -1.36 -1.08
N ASP A 214 -9.70 -0.72 -1.65
CA ASP A 214 -10.33 -1.30 -2.83
C ASP A 214 -10.46 -0.19 -3.87
N TYR A 215 -10.72 -0.60 -5.11
CA TYR A 215 -10.54 0.29 -6.24
C TYR A 215 -11.64 0.06 -7.27
N ALA A 216 -12.08 1.16 -7.85
CA ALA A 216 -12.91 1.14 -9.03
C ALA A 216 -12.21 1.94 -10.11
N TYR A 217 -12.56 1.64 -11.37
CA TYR A 217 -11.93 2.30 -12.50
C TYR A 217 -12.98 2.79 -13.46
N ASN A 218 -14.15 3.11 -12.94
CA ASN A 218 -15.28 3.55 -13.74
C ASN A 218 -15.65 5.01 -13.46
N GLY A 219 -14.73 5.79 -12.92
CA GLY A 219 -14.93 7.23 -12.79
C GLY A 219 -15.29 7.92 -14.11
#